data_7PWM
#
_entry.id   7PWM
#
_cell.length_a   45.290
_cell.length_b   68.830
_cell.length_c   160.570
_cell.angle_alpha   90.000
_cell.angle_beta   90.000
_cell.angle_gamma   90.000
#
_symmetry.space_group_name_H-M   'P 21 21 21'
#
loop_
_entity.id
_entity.type
_entity.pdbx_description
1 polymer 'Protein mono-ADP-ribosyltransferase PARP15'
2 non-polymer 4-(cyclohexylmethoxy)-2-methoxy-benzamide
3 non-polymer 'DIMETHYL SULFOXIDE'
4 water water
#
_entity_poly.entity_id   1
_entity_poly.type   'polypeptide(L)'
_entity_poly.pdbx_seq_one_letter_code
;MHHHHHHSSGVDLGTENLYFQSMNLPEHWTDMNHQLFCMVQLEPGQSEYNTIKDKFTRTCSSYAIEKIERIQNAFLWQSY
QVKKRQMDIKNDHKNNERLLFHGTDADSVPYVNQHGFNRSCAGKNAVSYGKGTYFAVDASYSAKDTYSKPDSNGRKHMYV
VRVLTGVFTKGRAGLVTPPPKNPHNPTDLFDSVTNNTRSPKLFVVFFDNQAYPEYLITFTA
;
_entity_poly.pdbx_strand_id   A,B
#
loop_
_chem_comp.id
_chem_comp.type
_chem_comp.name
_chem_comp.formula
8AQ non-polymer 4-(cyclohexylmethoxy)-2-methoxy-benzamide 'C15 H21 N O3'
DMS non-polymer 'DIMETHYL SULFOXIDE' 'C2 H6 O S'
#
# COMPACT_ATOMS: atom_id res chain seq x y z
N ASN A 24 17.06 4.24 10.12
CA ASN A 24 18.20 3.26 10.14
C ASN A 24 18.69 3.02 8.71
N LEU A 25 19.30 4.03 8.09
CA LEU A 25 19.66 4.00 6.65
C LEU A 25 20.92 3.15 6.45
N PRO A 26 21.00 2.40 5.32
CA PRO A 26 22.06 1.43 5.08
C PRO A 26 23.47 2.05 5.00
N GLU A 27 24.48 1.28 5.45
CA GLU A 27 25.87 1.78 5.62
C GLU A 27 26.44 2.19 4.25
N HIS A 28 26.03 1.54 3.16
CA HIS A 28 26.61 1.79 1.82
C HIS A 28 25.96 3.01 1.16
N TRP A 29 24.86 3.51 1.72
CA TRP A 29 24.31 4.79 1.19
C TRP A 29 25.33 5.89 1.46
N THR A 30 25.32 6.91 0.62
CA THR A 30 26.18 8.07 0.84
C THR A 30 25.33 9.19 1.44
N ASP A 31 26.00 10.10 2.13
CA ASP A 31 25.35 11.17 2.93
C ASP A 31 24.43 11.99 2.03
N MET A 32 23.28 12.39 2.57
CA MET A 32 22.29 13.18 1.82
C MET A 32 22.08 14.58 2.41
N ASN A 33 23.01 15.09 3.21
CA ASN A 33 22.97 16.49 3.71
C ASN A 33 21.57 16.77 4.27
N HIS A 34 21.05 15.85 5.07
CA HIS A 34 19.79 15.98 5.84
C HIS A 34 18.55 15.91 4.94
N GLN A 35 18.69 15.50 3.67
CA GLN A 35 17.54 15.21 2.78
C GLN A 35 17.18 13.72 2.80
N LEU A 36 16.02 13.40 2.24
CA LEU A 36 15.41 12.06 2.37
C LEU A 36 15.29 11.33 1.03
N PHE A 37 15.69 11.96 -0.07
CA PHE A 37 15.65 11.32 -1.41
C PHE A 37 16.87 11.80 -2.19
N CYS A 38 17.62 10.85 -2.74
CA CYS A 38 18.70 11.16 -3.70
C CYS A 38 18.87 9.97 -4.65
N MET A 39 19.15 10.28 -5.90
CA MET A 39 19.64 9.29 -6.87
C MET A 39 21.15 9.47 -6.99
N VAL A 40 21.90 8.43 -6.74
CA VAL A 40 23.38 8.56 -6.67
C VAL A 40 23.99 7.73 -7.79
N GLN A 41 24.67 8.38 -8.71
CA GLN A 41 25.32 7.64 -9.80
C GLN A 41 26.49 6.86 -9.24
N LEU A 42 26.56 5.56 -9.53
CA LEU A 42 27.65 4.68 -9.09
C LEU A 42 28.90 4.93 -9.93
N GLU A 43 30.03 4.77 -9.28
CA GLU A 43 31.38 4.86 -9.88
C GLU A 43 31.70 3.53 -10.55
N PRO A 44 31.91 3.49 -11.89
CA PRO A 44 32.33 2.27 -12.57
C PRO A 44 33.62 1.70 -11.95
N GLY A 45 33.65 0.38 -11.80
CA GLY A 45 34.85 -0.39 -11.41
C GLY A 45 34.98 -0.55 -9.91
N GLN A 46 34.09 0.08 -9.13
CA GLN A 46 34.05 -0.17 -7.67
C GLN A 46 33.08 -1.29 -7.39
N SER A 47 33.22 -1.87 -6.22
CA SER A 47 32.61 -3.17 -5.84
C SER A 47 31.12 -3.10 -6.12
N GLU A 48 30.47 -2.02 -5.76
CA GLU A 48 29.00 -1.97 -5.79
C GLU A 48 28.53 -1.95 -7.26
N TYR A 49 29.10 -1.07 -8.08
CA TYR A 49 28.79 -1.00 -9.52
C TYR A 49 29.06 -2.37 -10.14
N ASN A 50 30.21 -2.96 -9.84
CA ASN A 50 30.58 -4.26 -10.46
C ASN A 50 29.58 -5.35 -10.10
N THR A 51 29.12 -5.40 -8.87
CA THR A 51 28.15 -6.41 -8.39
C THR A 51 26.84 -6.23 -9.16
N ILE A 52 26.34 -5.02 -9.27
CA ILE A 52 25.02 -4.80 -9.93
C ILE A 52 25.20 -5.04 -11.44
N LYS A 53 26.30 -4.59 -12.00
CA LYS A 53 26.53 -4.81 -13.44
C LYS A 53 26.57 -6.32 -13.74
N ASP A 54 27.21 -7.10 -12.89
CA ASP A 54 27.32 -8.56 -13.09
C ASP A 54 25.93 -9.21 -13.07
N LYS A 55 25.03 -8.76 -12.20
CA LYS A 55 23.64 -9.31 -12.14
C LYS A 55 22.94 -9.09 -13.49
N PHE A 56 23.14 -7.92 -14.09
CA PHE A 56 22.55 -7.56 -15.38
C PHE A 56 23.25 -8.32 -16.50
N THR A 57 24.58 -8.35 -16.51
CA THR A 57 25.35 -8.99 -17.61
C THR A 57 25.21 -10.49 -17.66
N ARG A 58 24.75 -11.07 -16.56
CA ARG A 58 24.50 -12.53 -16.53
C ARG A 58 23.59 -12.89 -17.71
N THR A 59 22.60 -12.07 -18.01
CA THR A 59 21.65 -12.36 -19.12
C THR A 59 21.58 -11.27 -20.19
N CYS A 60 22.23 -10.10 -20.01
CA CYS A 60 22.14 -8.97 -20.96
C CYS A 60 23.53 -8.51 -21.36
N SER A 61 24.44 -9.45 -21.62
CA SER A 61 25.84 -9.09 -21.95
C SER A 61 25.93 -8.38 -23.30
N SER A 62 24.90 -8.47 -24.15
CA SER A 62 24.90 -7.84 -25.49
C SER A 62 24.42 -6.38 -25.43
N TYR A 63 23.98 -5.91 -24.27
CA TYR A 63 23.48 -4.53 -24.10
C TYR A 63 24.69 -3.62 -23.81
N ALA A 64 24.43 -2.34 -23.73
CA ALA A 64 25.43 -1.32 -23.37
C ALA A 64 24.90 -0.55 -22.17
N ILE A 65 25.65 -0.54 -21.07
CA ILE A 65 25.25 0.19 -19.84
C ILE A 65 25.78 1.61 -19.93
N GLU A 66 24.86 2.58 -19.85
CA GLU A 66 25.21 4.02 -19.81
C GLU A 66 25.55 4.40 -18.37
N LYS A 67 24.72 4.00 -17.42
CA LYS A 67 25.00 4.30 -16.01
C LYS A 67 24.11 3.45 -15.12
N ILE A 68 24.53 3.37 -13.86
CA ILE A 68 23.77 2.69 -12.78
C ILE A 68 23.66 3.70 -11.67
N GLU A 69 22.45 3.85 -11.14
CA GLU A 69 22.19 4.81 -10.04
C GLU A 69 21.63 4.05 -8.85
N ARG A 70 22.11 4.38 -7.69
CA ARG A 70 21.54 3.89 -6.42
C ARG A 70 20.36 4.79 -6.05
N ILE A 71 19.23 4.17 -5.74
CA ILE A 71 18.03 4.91 -5.28
C ILE A 71 18.09 5.01 -3.76
N GLN A 72 18.21 6.21 -3.23
CA GLN A 72 18.26 6.45 -1.77
C GLN A 72 16.95 7.15 -1.40
N ASN A 73 15.92 6.38 -1.10
CA ASN A 73 14.59 6.94 -0.78
C ASN A 73 14.28 6.50 0.65
N ALA A 74 14.54 7.38 1.60
CA ALA A 74 14.45 7.01 3.02
C ALA A 74 13.06 6.50 3.38
N PHE A 75 12.02 7.17 2.93
CA PHE A 75 10.64 6.79 3.31
C PHE A 75 10.29 5.43 2.73
N LEU A 76 10.56 5.24 1.44
CA LEU A 76 10.25 3.94 0.79
C LEU A 76 11.04 2.84 1.49
N TRP A 77 12.29 3.11 1.84
CA TRP A 77 13.12 2.10 2.51
C TRP A 77 12.50 1.76 3.87
N GLN A 78 12.12 2.78 4.63
CA GLN A 78 11.51 2.58 5.97
CA GLN A 78 11.57 2.52 5.97
C GLN A 78 10.29 1.67 5.84
N SER A 79 9.38 2.00 4.95
CA SER A 79 8.12 1.22 4.80
C SER A 79 8.41 -0.21 4.36
N TYR A 80 9.36 -0.38 3.45
CA TYR A 80 9.76 -1.71 2.97
C TYR A 80 10.33 -2.53 4.14
N GLN A 81 11.21 -1.91 4.89
CA GLN A 81 11.90 -2.64 5.99
C GLN A 81 10.90 -3.05 7.07
N VAL A 82 9.90 -2.21 7.33
CA VAL A 82 8.82 -2.62 8.27
C VAL A 82 8.12 -3.86 7.72
N LYS A 83 7.78 -3.86 6.45
CA LYS A 83 7.12 -5.02 5.79
CA LYS A 83 7.12 -5.03 5.79
CA LYS A 83 7.09 -5.04 5.87
C LYS A 83 8.04 -6.25 5.88
N LYS A 84 9.33 -6.07 5.69
CA LYS A 84 10.27 -7.21 5.74
C LYS A 84 10.29 -7.78 7.15
N ARG A 85 10.37 -6.92 8.16
CA ARG A 85 10.41 -7.38 9.56
C ARG A 85 9.13 -8.17 9.84
N GLN A 86 7.99 -7.65 9.40
CA GLN A 86 6.68 -8.32 9.61
C GLN A 86 6.66 -9.68 8.91
N MET A 87 7.13 -9.73 7.66
CA MET A 87 7.07 -11.00 6.90
C MET A 87 8.02 -12.04 7.53
N ASP A 88 9.16 -11.58 8.02
CA ASP A 88 10.15 -12.45 8.72
C ASP A 88 9.51 -13.04 9.99
N ILE A 89 8.76 -12.25 10.75
CA ILE A 89 8.02 -12.76 11.95
C ILE A 89 6.95 -13.76 11.48
N LYS A 90 6.11 -13.36 10.54
CA LYS A 90 4.95 -14.18 10.11
C LYS A 90 5.46 -15.54 9.62
N ASN A 91 6.50 -15.55 8.80
CA ASN A 91 6.95 -16.79 8.11
C ASN A 91 7.95 -17.54 9.00
N ASP A 92 8.42 -16.89 10.06
CA ASP A 92 9.32 -17.48 11.09
C ASP A 92 10.66 -17.87 10.45
N HIS A 93 11.14 -17.08 9.49
CA HIS A 93 12.47 -17.23 8.86
C HIS A 93 12.84 -15.90 8.18
N LYS A 94 14.11 -15.71 7.84
CA LYS A 94 14.55 -14.73 6.81
C LYS A 94 14.34 -15.43 5.47
N ASN A 95 15.10 -15.15 4.43
CA ASN A 95 14.86 -15.82 3.13
C ASN A 95 13.46 -15.43 2.60
N ASN A 96 12.94 -14.25 2.92
CA ASN A 96 11.70 -13.74 2.26
C ASN A 96 11.98 -12.79 1.10
N GLU A 97 13.24 -12.41 0.90
CA GLU A 97 13.60 -11.39 -0.10
C GLU A 97 14.38 -12.00 -1.26
N ARG A 98 14.10 -11.48 -2.45
CA ARG A 98 14.81 -11.84 -3.72
CA ARG A 98 14.81 -11.83 -3.71
C ARG A 98 15.17 -10.53 -4.44
N LEU A 99 16.25 -10.54 -5.20
CA LEU A 99 16.61 -9.40 -6.06
C LEU A 99 16.12 -9.72 -7.47
N LEU A 100 15.21 -8.89 -7.97
CA LEU A 100 14.54 -9.10 -9.27
C LEU A 100 14.65 -7.83 -10.12
N PHE A 101 14.20 -7.90 -11.36
CA PHE A 101 14.31 -6.81 -12.32
C PHE A 101 12.93 -6.30 -12.72
N HIS A 102 12.87 -5.04 -13.06
CA HIS A 102 11.62 -4.42 -13.57
C HIS A 102 11.96 -3.39 -14.65
N GLY A 103 11.59 -3.70 -15.89
CA GLY A 103 11.74 -2.74 -17.00
C GLY A 103 10.58 -1.79 -17.01
N THR A 104 10.83 -0.51 -17.27
CA THR A 104 9.71 0.45 -17.43
C THR A 104 10.10 1.54 -18.43
N ASP A 105 9.11 2.33 -18.76
CA ASP A 105 9.31 3.47 -19.70
C ASP A 105 9.89 4.65 -18.93
N ALA A 106 10.56 5.53 -19.65
CA ALA A 106 11.19 6.74 -19.09
C ALA A 106 10.16 7.58 -18.33
N ASP A 107 8.92 7.63 -18.80
CA ASP A 107 7.90 8.51 -18.21
C ASP A 107 7.54 8.03 -16.80
N SER A 108 7.75 6.76 -16.47
CA SER A 108 7.39 6.16 -15.15
C SER A 108 8.54 6.30 -14.15
N VAL A 109 9.76 6.52 -14.61
CA VAL A 109 10.96 6.49 -13.73
C VAL A 109 10.83 7.48 -12.58
N PRO A 110 10.45 8.75 -12.79
CA PRO A 110 10.38 9.69 -11.67
C PRO A 110 9.40 9.21 -10.60
N TYR A 111 8.28 8.66 -11.02
CA TYR A 111 7.27 8.14 -10.07
C TYR A 111 7.87 6.98 -9.29
N VAL A 112 8.47 6.01 -9.97
CA VAL A 112 9.01 4.83 -9.25
C VAL A 112 10.10 5.28 -8.28
N ASN A 113 10.98 6.16 -8.68
CA ASN A 113 12.07 6.60 -7.79
C ASN A 113 11.51 7.17 -6.49
N GLN A 114 10.41 7.90 -6.57
CA GLN A 114 9.84 8.65 -5.43
C GLN A 114 8.84 7.78 -4.65
N HIS A 115 8.03 7.00 -5.36
CA HIS A 115 6.85 6.33 -4.77
C HIS A 115 6.91 4.80 -4.86
N GLY A 116 7.86 4.25 -5.59
CA GLY A 116 7.94 2.81 -5.78
C GLY A 116 6.90 2.31 -6.76
N PHE A 117 6.59 1.04 -6.63
CA PHE A 117 5.77 0.31 -7.61
C PHE A 117 4.32 0.37 -7.16
N ASN A 118 3.44 0.64 -8.12
CA ASN A 118 2.01 0.83 -7.84
C ASN A 118 1.21 -0.04 -8.78
N ARG A 119 0.51 -1.04 -8.24
CA ARG A 119 -0.30 -1.97 -9.06
C ARG A 119 -1.41 -1.23 -9.82
N SER A 120 -1.80 -0.04 -9.36
CA SER A 120 -2.90 0.73 -9.98
C SER A 120 -2.44 1.44 -11.25
N CYS A 121 -1.14 1.40 -11.60
CA CYS A 121 -0.55 2.10 -12.78
C CYS A 121 -0.41 1.17 -14.00
N ASN A 125 0.31 -3.86 -20.59
CA ASN A 125 0.87 -5.23 -20.63
C ASN A 125 -0.12 -6.21 -19.98
N ALA A 126 -0.04 -7.49 -20.37
CA ALA A 126 -0.89 -8.60 -19.85
C ALA A 126 -0.69 -8.74 -18.33
N VAL A 127 -1.76 -9.15 -17.63
CA VAL A 127 -1.78 -9.41 -16.16
C VAL A 127 -2.27 -10.85 -15.93
N SER A 128 -1.67 -11.76 -16.70
CA SER A 128 -1.98 -13.21 -16.75
C SER A 128 -1.82 -13.88 -15.39
N TYR A 129 -1.01 -13.35 -14.48
CA TYR A 129 -0.76 -14.00 -13.15
C TYR A 129 -1.34 -13.14 -12.03
N GLY A 130 -2.12 -12.13 -12.37
CA GLY A 130 -2.80 -11.29 -11.39
C GLY A 130 -2.55 -9.81 -11.60
N LYS A 131 -3.38 -9.01 -10.95
CA LYS A 131 -3.33 -7.54 -11.01
C LYS A 131 -2.38 -7.03 -9.93
N GLY A 132 -1.11 -7.25 -10.16
CA GLY A 132 -0.06 -6.75 -9.28
C GLY A 132 1.07 -6.14 -10.05
N THR A 133 2.19 -5.93 -9.38
CA THR A 133 3.41 -5.47 -10.06
C THR A 133 4.28 -6.68 -10.36
N TYR A 134 4.79 -6.76 -11.58
CA TYR A 134 5.54 -7.90 -12.11
C TYR A 134 7.03 -7.63 -11.98
N PHE A 135 7.77 -8.67 -11.64
CA PHE A 135 9.24 -8.61 -11.55
C PHE A 135 9.82 -9.86 -12.16
N ALA A 136 10.90 -9.71 -12.91
CA ALA A 136 11.53 -10.82 -13.63
C ALA A 136 12.74 -11.32 -12.85
N VAL A 137 12.96 -12.63 -12.93
CA VAL A 137 14.20 -13.25 -12.40
C VAL A 137 15.39 -12.85 -13.29
N ASP A 138 15.20 -12.80 -14.62
CA ASP A 138 16.29 -12.52 -15.57
C ASP A 138 16.16 -11.09 -16.11
N ALA A 139 17.26 -10.34 -16.09
CA ALA A 139 17.27 -8.99 -16.70
C ALA A 139 16.83 -9.09 -18.17
N SER A 140 17.18 -10.16 -18.85
CA SER A 140 16.87 -10.31 -20.30
C SER A 140 15.37 -10.19 -20.52
N TYR A 141 14.54 -10.64 -19.58
CA TYR A 141 13.08 -10.56 -19.77
C TYR A 141 12.63 -9.10 -19.64
N SER A 142 13.08 -8.42 -18.58
CA SER A 142 12.78 -6.98 -18.36
C SER A 142 13.36 -6.12 -19.51
N ALA A 143 14.37 -6.63 -20.21
CA ALA A 143 15.05 -5.87 -21.29
C ALA A 143 14.17 -5.83 -22.54
N LYS A 144 13.12 -6.61 -22.63
CA LYS A 144 12.21 -6.53 -23.79
C LYS A 144 11.70 -5.11 -23.95
N ASP A 145 11.60 -4.63 -25.19
CA ASP A 145 11.07 -3.27 -25.45
C ASP A 145 9.64 -3.09 -24.91
N THR A 146 8.85 -4.15 -24.79
CA THR A 146 7.47 -4.03 -24.27
C THR A 146 7.53 -3.52 -22.82
N TYR A 147 8.62 -3.75 -22.09
CA TYR A 147 8.74 -3.35 -20.67
C TYR A 147 9.64 -2.13 -20.55
N SER A 148 10.91 -2.29 -20.91
CA SER A 148 11.92 -1.20 -20.87
C SER A 148 11.84 -0.46 -22.21
N LYS A 149 10.74 0.25 -22.41
CA LYS A 149 10.43 0.92 -23.70
CA LYS A 149 10.44 0.92 -23.70
C LYS A 149 11.59 1.87 -24.05
N PRO A 150 12.19 1.77 -25.26
CA PRO A 150 13.25 2.69 -25.63
C PRO A 150 12.70 4.11 -25.87
N ASP A 151 13.40 5.12 -25.37
CA ASP A 151 13.03 6.54 -25.58
C ASP A 151 13.53 6.95 -26.97
N SER A 152 13.33 8.22 -27.32
CA SER A 152 13.62 8.77 -28.67
C SER A 152 15.11 8.60 -29.05
N ASN A 153 15.99 8.30 -28.09
CA ASN A 153 17.46 8.12 -28.30
C ASN A 153 17.89 6.67 -28.11
N GLY A 154 16.95 5.72 -27.91
CA GLY A 154 17.28 4.29 -27.75
C GLY A 154 17.56 3.93 -26.30
N ARG A 155 17.46 4.89 -25.37
CA ARG A 155 17.73 4.64 -23.93
C ARG A 155 16.59 3.83 -23.30
N LYS A 156 16.99 2.81 -22.57
CA LYS A 156 16.08 1.87 -21.88
C LYS A 156 16.41 1.92 -20.39
N HIS A 157 15.40 1.61 -19.58
CA HIS A 157 15.46 1.74 -18.11
C HIS A 157 15.01 0.46 -17.45
N MET A 158 15.79 -0.01 -16.51
CA MET A 158 15.43 -1.22 -15.73
C MET A 158 15.86 -1.01 -14.29
N TYR A 159 14.96 -1.34 -13.39
CA TYR A 159 15.28 -1.37 -11.95
C TYR A 159 15.80 -2.74 -11.54
N VAL A 160 16.71 -2.70 -10.57
CA VAL A 160 17.08 -3.86 -9.72
C VAL A 160 16.37 -3.65 -8.39
N VAL A 161 15.53 -4.61 -8.01
CA VAL A 161 14.49 -4.42 -6.98
C VAL A 161 14.63 -5.47 -5.90
N ARG A 162 14.60 -5.02 -4.65
CA ARG A 162 14.43 -5.96 -3.51
CA ARG A 162 14.43 -5.96 -3.51
C ARG A 162 12.95 -6.26 -3.38
N VAL A 163 12.57 -7.53 -3.51
CA VAL A 163 11.16 -7.94 -3.51
C VAL A 163 10.95 -8.94 -2.36
N LEU A 164 9.90 -8.69 -1.59
CA LEU A 164 9.47 -9.61 -0.52
C LEU A 164 8.57 -10.67 -1.13
N THR A 165 9.17 -11.65 -1.78
CA THR A 165 8.44 -12.77 -2.41
C THR A 165 7.90 -13.74 -1.35
N GLY A 166 8.55 -13.88 -0.20
CA GLY A 166 8.05 -14.73 0.87
C GLY A 166 7.71 -16.13 0.39
N VAL A 167 6.57 -16.62 0.86
CA VAL A 167 6.04 -17.93 0.44
C VAL A 167 5.12 -17.67 -0.74
N PHE A 168 5.36 -18.37 -1.83
CA PHE A 168 4.65 -18.07 -3.09
C PHE A 168 3.97 -19.33 -3.62
N THR A 169 3.02 -19.05 -4.51
CA THR A 169 2.22 -20.08 -5.19
C THR A 169 2.07 -19.67 -6.66
N LYS A 170 1.56 -20.57 -7.48
CA LYS A 170 1.29 -20.23 -8.89
C LYS A 170 0.15 -19.21 -8.94
N GLY A 171 0.32 -18.17 -9.74
CA GLY A 171 -0.71 -17.17 -9.98
C GLY A 171 -1.64 -17.58 -11.10
N ARG A 172 -2.62 -16.72 -11.33
CA ARG A 172 -3.67 -16.92 -12.36
CA ARG A 172 -3.65 -16.92 -12.37
C ARG A 172 -4.32 -15.57 -12.66
N ALA A 173 -5.01 -15.50 -13.80
CA ALA A 173 -5.59 -14.23 -14.25
C ALA A 173 -6.64 -13.75 -13.24
N GLY A 174 -6.59 -12.46 -12.98
CA GLY A 174 -7.65 -11.75 -12.26
C GLY A 174 -7.46 -11.74 -10.75
N LEU A 175 -6.42 -12.35 -10.21
CA LEU A 175 -6.14 -12.22 -8.76
C LEU A 175 -5.97 -10.74 -8.45
N VAL A 176 -6.50 -10.29 -7.32
CA VAL A 176 -6.22 -8.93 -6.80
C VAL A 176 -5.32 -9.01 -5.55
N THR A 177 -5.24 -10.18 -4.92
CA THR A 177 -4.26 -10.49 -3.85
C THR A 177 -3.77 -11.91 -4.09
N PRO A 178 -2.68 -12.36 -3.43
CA PRO A 178 -2.32 -13.76 -3.55
C PRO A 178 -3.44 -14.62 -2.95
N PRO A 179 -3.54 -15.88 -3.39
CA PRO A 179 -4.49 -16.83 -2.84
C PRO A 179 -4.21 -17.12 -1.36
N PRO A 180 -5.21 -17.64 -0.63
CA PRO A 180 -4.94 -18.17 0.70
C PRO A 180 -4.09 -19.44 0.66
N LYS A 181 -3.30 -19.67 1.71
CA LYS A 181 -2.47 -20.91 1.83
C LYS A 181 -3.38 -22.12 2.09
N ASN A 182 -4.54 -21.91 2.69
CA ASN A 182 -5.57 -22.94 2.97
C ASN A 182 -6.93 -22.26 2.89
N PRO A 183 -7.86 -22.69 2.01
CA PRO A 183 -9.18 -22.08 1.94
C PRO A 183 -9.96 -22.13 3.28
N HIS A 184 -9.53 -22.95 4.25
CA HIS A 184 -10.09 -23.00 5.63
C HIS A 184 -9.78 -21.70 6.40
N ASN A 185 -8.63 -21.06 6.17
CA ASN A 185 -8.27 -19.72 6.72
C ASN A 185 -8.08 -18.74 5.56
N PRO A 186 -9.19 -18.16 5.03
CA PRO A 186 -9.13 -17.33 3.84
C PRO A 186 -8.26 -16.07 3.95
N THR A 187 -7.94 -15.59 5.15
CA THR A 187 -7.17 -14.31 5.31
C THR A 187 -5.67 -14.58 5.46
N ASP A 188 -5.23 -15.82 5.62
CA ASP A 188 -3.78 -16.15 5.74
C ASP A 188 -3.25 -16.39 4.33
N LEU A 189 -2.64 -15.38 3.72
CA LEU A 189 -2.34 -15.39 2.27
C LEU A 189 -0.89 -15.83 2.01
N PHE A 190 -0.68 -16.39 0.82
CA PHE A 190 0.65 -16.39 0.18
C PHE A 190 1.15 -14.94 0.12
N ASP A 191 2.46 -14.76 0.08
CA ASP A 191 3.07 -13.41 0.02
C ASP A 191 3.15 -12.92 -1.43
N SER A 192 3.25 -13.84 -2.37
CA SER A 192 3.40 -13.43 -3.80
C SER A 192 2.96 -14.60 -4.66
N VAL A 193 2.88 -14.38 -5.96
CA VAL A 193 2.60 -15.48 -6.91
C VAL A 193 3.70 -15.50 -7.95
N THR A 194 3.76 -16.60 -8.65
CA THR A 194 4.77 -16.82 -9.71
C THR A 194 4.14 -17.53 -10.90
N ASN A 195 4.89 -17.60 -11.98
CA ASN A 195 4.43 -18.40 -13.15
C ASN A 195 4.64 -19.89 -12.91
N ASN A 196 5.65 -20.26 -12.12
CA ASN A 196 6.07 -21.67 -11.96
C ASN A 196 6.79 -21.80 -10.62
N THR A 197 6.26 -22.60 -9.71
CA THR A 197 6.81 -22.67 -8.34
C THR A 197 8.15 -23.40 -8.32
N ARG A 198 8.37 -24.37 -9.20
CA ARG A 198 9.60 -25.21 -9.16
C ARG A 198 10.75 -24.38 -9.75
N SER A 199 10.48 -23.60 -10.78
CA SER A 199 11.52 -22.83 -11.53
C SER A 199 10.94 -21.47 -11.90
N PRO A 200 10.80 -20.56 -10.92
CA PRO A 200 10.16 -19.28 -11.17
C PRO A 200 10.97 -18.41 -12.14
N LYS A 201 10.26 -17.70 -13.01
CA LYS A 201 10.90 -16.67 -13.86
C LYS A 201 10.25 -15.30 -13.66
N LEU A 202 9.12 -15.22 -12.97
CA LEU A 202 8.51 -13.92 -12.63
C LEU A 202 7.82 -14.07 -11.28
N PHE A 203 7.70 -12.96 -10.61
CA PHE A 203 6.91 -12.84 -9.37
C PHE A 203 5.99 -11.63 -9.51
N VAL A 204 4.82 -11.75 -8.90
CA VAL A 204 3.82 -10.67 -8.81
C VAL A 204 3.59 -10.39 -7.34
N VAL A 205 3.64 -9.12 -6.98
CA VAL A 205 3.27 -8.69 -5.60
C VAL A 205 2.11 -7.71 -5.71
N PHE A 206 1.30 -7.68 -4.67
CA PHE A 206 -0.04 -7.04 -4.73
C PHE A 206 -0.21 -5.95 -3.70
N PHE A 207 0.85 -5.62 -2.96
CA PHE A 207 0.76 -4.62 -1.88
C PHE A 207 1.88 -3.61 -2.06
N ASP A 208 1.57 -2.40 -1.66
CA ASP A 208 2.56 -1.31 -1.66
C ASP A 208 3.64 -1.68 -0.65
N ASN A 209 4.84 -1.29 -0.96
CA ASN A 209 5.96 -1.39 0.00
C ASN A 209 6.38 -2.89 0.17
N GLN A 210 6.04 -3.76 -0.79
CA GLN A 210 6.61 -5.12 -0.84
C GLN A 210 7.81 -5.19 -1.80
N ALA A 211 8.19 -4.07 -2.37
CA ALA A 211 9.28 -3.96 -3.34
C ALA A 211 9.98 -2.63 -3.13
N TYR A 212 11.29 -2.66 -3.09
CA TYR A 212 12.12 -1.44 -2.96
C TYR A 212 13.00 -1.33 -4.19
N PRO A 213 12.83 -0.26 -5.00
CA PRO A 213 13.67 -0.03 -6.18
C PRO A 213 15.07 0.39 -5.72
N GLU A 214 16.05 -0.48 -5.90
CA GLU A 214 17.37 -0.28 -5.24
C GLU A 214 18.34 0.37 -6.21
N TYR A 215 18.34 -0.04 -7.49
CA TYR A 215 19.21 0.54 -8.54
C TYR A 215 18.38 0.76 -9.79
N LEU A 216 18.79 1.77 -10.54
CA LEU A 216 18.25 2.06 -11.88
C LEU A 216 19.40 1.92 -12.85
N ILE A 217 19.19 1.05 -13.83
CA ILE A 217 20.16 0.84 -14.92
C ILE A 217 19.60 1.54 -16.15
N THR A 218 20.41 2.41 -16.74
CA THR A 218 20.12 3.05 -18.02
C THR A 218 21.03 2.38 -19.05
N PHE A 219 20.45 1.87 -20.12
CA PHE A 219 21.20 1.01 -21.06
C PHE A 219 20.60 1.11 -22.45
N THR A 220 21.32 0.57 -23.43
CA THR A 220 20.87 0.49 -24.84
C THR A 220 21.08 -0.93 -25.35
N ALA A 221 20.36 -1.28 -26.41
CA ALA A 221 20.53 -2.55 -27.14
C ALA A 221 21.85 -2.58 -27.93
N ASN B 24 5.83 -0.44 19.05
CA ASN B 24 5.20 0.90 19.29
C ASN B 24 3.71 0.78 19.70
N LEU B 25 3.24 -0.39 20.17
CA LEU B 25 1.78 -0.59 20.34
C LEU B 25 1.27 0.28 21.48
N PRO B 26 0.06 0.86 21.32
CA PRO B 26 -0.49 1.75 22.34
C PRO B 26 -0.66 1.04 23.69
N GLU B 27 -0.36 1.76 24.78
CA GLU B 27 -0.19 1.12 26.10
C GLU B 27 -1.55 0.74 26.72
N HIS B 28 -2.65 1.26 26.20
CA HIS B 28 -3.98 0.89 26.76
C HIS B 28 -4.62 -0.23 25.92
N TRP B 29 -3.94 -0.75 24.89
CA TRP B 29 -4.41 -2.01 24.26
C TRP B 29 -4.37 -3.13 25.30
N THR B 30 -5.25 -4.11 25.14
CA THR B 30 -5.17 -5.38 25.91
C THR B 30 -3.88 -6.11 25.53
N ASP B 31 -3.30 -6.79 26.51
CA ASP B 31 -2.12 -7.66 26.28
C ASP B 31 -2.59 -8.81 25.41
N MET B 32 -1.96 -8.98 24.26
CA MET B 32 -2.32 -10.03 23.29
C MET B 32 -1.42 -11.25 23.46
N ASN B 33 -0.60 -11.31 24.51
CA ASN B 33 0.22 -12.50 24.86
C ASN B 33 0.92 -13.02 23.60
N HIS B 34 1.72 -12.16 22.96
CA HIS B 34 2.59 -12.50 21.80
C HIS B 34 1.78 -12.58 20.49
N GLN B 35 0.44 -12.59 20.55
CA GLN B 35 -0.43 -12.62 19.33
C GLN B 35 -0.38 -11.24 18.65
N LEU B 36 -0.72 -11.20 17.37
CA LEU B 36 -0.51 -10.00 16.51
C LEU B 36 -1.85 -9.31 16.23
N PHE B 37 -2.95 -9.92 16.67
CA PHE B 37 -4.28 -9.46 16.26
C PHE B 37 -5.32 -9.86 17.28
N CYS B 38 -6.19 -8.93 17.61
CA CYS B 38 -7.31 -9.16 18.56
CA CYS B 38 -7.45 -9.30 18.29
C CYS B 38 -8.43 -8.14 18.31
N MET B 39 -9.67 -8.56 18.49
CA MET B 39 -10.83 -7.67 18.52
C MET B 39 -11.28 -7.58 19.98
N VAL B 40 -11.41 -6.38 20.52
CA VAL B 40 -11.73 -6.16 21.96
C VAL B 40 -13.10 -5.48 22.09
N GLN B 41 -14.05 -6.20 22.66
CA GLN B 41 -15.39 -5.65 22.84
C GLN B 41 -15.34 -4.58 23.93
N LEU B 42 -15.84 -3.40 23.61
CA LEU B 42 -15.91 -2.26 24.56
C LEU B 42 -17.17 -2.31 25.39
N GLU B 43 -17.10 -1.65 26.54
CA GLU B 43 -18.22 -1.60 27.49
C GLU B 43 -18.92 -0.25 27.41
N PRO B 44 -20.26 -0.25 27.24
CA PRO B 44 -21.01 1.01 27.33
C PRO B 44 -20.69 1.70 28.66
N GLY B 45 -20.63 3.01 28.64
CA GLY B 45 -20.35 3.81 29.84
C GLY B 45 -18.87 4.15 29.93
N GLN B 46 -17.98 3.35 29.33
CA GLN B 46 -16.58 3.79 29.15
C GLN B 46 -16.53 4.95 28.17
N SER B 47 -15.69 5.93 28.44
CA SER B 47 -15.47 7.09 27.54
C SER B 47 -15.14 6.60 26.13
N GLU B 48 -14.36 5.54 26.01
CA GLU B 48 -13.93 5.04 24.68
C GLU B 48 -15.15 4.58 23.85
N TYR B 49 -16.07 3.85 24.44
CA TYR B 49 -17.32 3.41 23.80
C TYR B 49 -18.21 4.61 23.54
N ASN B 50 -18.39 5.46 24.54
CA ASN B 50 -19.38 6.56 24.44
C ASN B 50 -18.94 7.57 23.36
N THR B 51 -17.67 7.85 23.18
CA THR B 51 -17.22 8.83 22.13
CA THR B 51 -17.25 8.83 22.13
C THR B 51 -17.59 8.28 20.74
N ILE B 52 -17.40 7.00 20.53
CA ILE B 52 -17.74 6.36 19.23
C ILE B 52 -19.25 6.32 19.06
N LYS B 53 -19.98 5.91 20.08
CA LYS B 53 -21.45 5.91 19.97
C LYS B 53 -21.93 7.33 19.64
N ASP B 54 -21.39 8.36 20.28
CA ASP B 54 -21.86 9.75 20.07
C ASP B 54 -21.55 10.17 18.62
N LYS B 55 -20.37 9.81 18.15
CA LYS B 55 -19.92 10.20 16.80
C LYS B 55 -20.88 9.58 15.78
N PHE B 56 -21.27 8.33 16.00
CA PHE B 56 -22.21 7.58 15.14
C PHE B 56 -23.61 8.21 15.25
N THR B 57 -24.10 8.40 16.47
CA THR B 57 -25.51 8.81 16.70
CA THR B 57 -25.51 8.80 16.69
C THR B 57 -25.74 10.25 16.23
N ARG B 58 -24.67 11.05 16.12
CA ARG B 58 -24.81 12.45 15.61
CA ARG B 58 -24.81 12.44 15.62
C ARG B 58 -25.62 12.43 14.30
N THR B 59 -25.41 11.42 13.45
CA THR B 59 -26.10 11.35 12.12
C THR B 59 -26.89 10.04 11.94
N CYS B 60 -26.80 9.08 12.86
CA CYS B 60 -27.46 7.75 12.72
C CYS B 60 -28.32 7.40 13.94
N SER B 61 -29.04 8.37 14.47
CA SER B 61 -29.82 8.18 15.72
C SER B 61 -30.97 7.20 15.50
N SER B 62 -31.37 6.88 14.26
CA SER B 62 -32.48 5.93 13.95
C SER B 62 -32.00 4.47 14.05
N TYR B 63 -30.70 4.22 14.06
CA TYR B 63 -30.10 2.88 14.16
C TYR B 63 -29.76 2.63 15.63
N ALA B 64 -29.49 1.38 15.94
CA ALA B 64 -29.07 1.00 17.29
C ALA B 64 -27.79 0.16 17.18
N ILE B 65 -26.83 0.48 18.02
CA ILE B 65 -25.56 -0.26 18.07
C ILE B 65 -25.74 -1.56 18.85
N GLU B 66 -25.28 -2.64 18.26
CA GLU B 66 -25.15 -3.94 18.92
C GLU B 66 -23.90 -3.94 19.75
N LYS B 67 -22.76 -3.66 19.16
CA LYS B 67 -21.49 -3.71 19.91
C LYS B 67 -20.48 -2.84 19.16
N ILE B 68 -19.44 -2.44 19.88
CA ILE B 68 -18.28 -1.70 19.32
C ILE B 68 -17.04 -2.48 19.72
N GLU B 69 -16.22 -2.85 18.75
CA GLU B 69 -14.98 -3.60 18.98
C GLU B 69 -13.80 -2.74 18.60
N ARG B 70 -12.83 -2.67 19.49
CA ARG B 70 -11.52 -2.08 19.20
C ARG B 70 -10.68 -3.09 18.42
N ILE B 71 -10.17 -2.66 17.26
CA ILE B 71 -9.33 -3.52 16.42
C ILE B 71 -7.88 -3.32 16.83
N GLN B 72 -7.22 -4.35 17.31
CA GLN B 72 -5.80 -4.33 17.69
C GLN B 72 -5.04 -5.16 16.67
N ASN B 73 -4.53 -4.51 15.62
CA ASN B 73 -3.82 -5.22 14.56
C ASN B 73 -2.40 -4.66 14.53
N ALA B 74 -1.47 -5.39 15.11
CA ALA B 74 -0.11 -4.87 15.33
C ALA B 74 0.53 -4.45 14.01
N PHE B 75 0.48 -5.31 12.99
CA PHE B 75 1.19 -5.01 11.73
C PHE B 75 0.54 -3.81 11.03
N LEU B 76 -0.78 -3.76 10.96
CA LEU B 76 -1.43 -2.61 10.28
C LEU B 76 -1.09 -1.34 11.04
N TRP B 77 -1.06 -1.41 12.37
CA TRP B 77 -0.76 -0.22 13.18
C TRP B 77 0.65 0.26 12.86
N GLN B 78 1.61 -0.67 12.87
CA GLN B 78 3.02 -0.29 12.63
C GLN B 78 3.14 0.42 11.27
N SER B 79 2.61 -0.18 10.23
CA SER B 79 2.76 0.38 8.88
C SER B 79 2.05 1.73 8.79
N TYR B 80 0.87 1.85 9.38
CA TYR B 80 0.13 3.11 9.39
C TYR B 80 0.92 4.19 10.12
N GLN B 81 1.43 3.85 11.29
CA GLN B 81 2.16 4.87 12.08
C GLN B 81 3.43 5.31 11.35
N VAL B 82 4.09 4.43 10.63
CA VAL B 82 5.24 4.87 9.79
C VAL B 82 4.74 5.89 8.76
N LYS B 83 3.66 5.59 8.05
CA LYS B 83 3.11 6.52 7.02
CA LYS B 83 3.13 6.52 7.01
C LYS B 83 2.73 7.86 7.66
N LYS B 84 2.16 7.80 8.87
CA LYS B 84 1.73 9.04 9.55
C LYS B 84 2.97 9.88 9.88
N ARG B 85 4.03 9.27 10.41
CA ARG B 85 5.24 10.03 10.78
C ARG B 85 5.82 10.65 9.50
N GLN B 86 5.82 9.89 8.42
CA GLN B 86 6.34 10.42 7.15
C GLN B 86 5.51 11.61 6.67
N MET B 87 4.20 11.49 6.72
CA MET B 87 3.34 12.60 6.24
C MET B 87 3.51 13.82 7.16
N ASP B 88 3.61 13.60 8.48
CA ASP B 88 3.85 14.70 9.43
C ASP B 88 5.18 15.41 9.12
N ILE B 89 6.22 14.67 8.75
CA ILE B 89 7.52 15.29 8.38
C ILE B 89 7.33 16.07 7.08
N LYS B 90 6.75 15.43 6.08
CA LYS B 90 6.66 16.02 4.71
C LYS B 90 5.82 17.30 4.76
N ASN B 91 4.69 17.27 5.44
CA ASN B 91 3.72 18.39 5.43
C ASN B 91 4.12 19.45 6.47
N ASP B 92 5.00 19.11 7.40
CA ASP B 92 5.60 20.02 8.41
C ASP B 92 4.48 20.57 9.31
N HIS B 93 3.53 19.71 9.61
CA HIS B 93 2.42 19.96 10.57
C HIS B 93 1.84 18.59 10.91
N LYS B 94 1.02 18.56 11.95
CA LYS B 94 0.41 17.33 12.51
C LYS B 94 -1.11 17.43 12.36
N ASN B 95 -1.59 18.01 11.25
CA ASN B 95 -3.06 18.08 10.97
C ASN B 95 -3.45 17.08 9.87
N ASN B 96 -2.79 15.92 9.83
CA ASN B 96 -2.87 15.02 8.67
C ASN B 96 -3.89 13.91 8.87
N GLU B 97 -4.39 13.70 10.09
CA GLU B 97 -5.24 12.52 10.39
C GLU B 97 -6.67 12.95 10.76
N ARG B 98 -7.64 12.30 10.16
CA ARG B 98 -9.07 12.49 10.46
C ARG B 98 -9.64 11.14 10.85
N LEU B 99 -10.70 11.17 11.66
CA LEU B 99 -11.41 9.97 12.07
C LEU B 99 -12.68 9.91 11.23
N LEU B 100 -12.74 8.90 10.40
CA LEU B 100 -13.81 8.79 9.38
C LEU B 100 -14.51 7.44 9.47
N PHE B 101 -15.56 7.26 8.69
CA PHE B 101 -16.37 6.03 8.73
C PHE B 101 -16.23 5.29 7.40
N HIS B 102 -16.39 3.98 7.45
CA HIS B 102 -16.37 3.13 6.24
C HIS B 102 -17.36 1.99 6.44
N GLY B 103 -18.48 2.05 5.70
CA GLY B 103 -19.45 0.95 5.71
C GLY B 103 -19.02 -0.15 4.80
N THR B 104 -19.20 -1.42 5.18
CA THR B 104 -18.93 -2.51 4.24
C THR B 104 -19.78 -3.72 4.55
N ASP B 105 -19.70 -4.70 3.67
CA ASP B 105 -20.49 -5.94 3.80
C ASP B 105 -19.79 -6.89 4.78
N ALA B 106 -20.56 -7.82 5.34
CA ALA B 106 -20.04 -8.79 6.31
C ALA B 106 -18.91 -9.61 5.68
N ASP B 107 -19.00 -9.94 4.39
CA ASP B 107 -18.01 -10.83 3.74
C ASP B 107 -16.62 -10.16 3.77
N SER B 108 -16.55 -8.83 3.83
CA SER B 108 -15.29 -8.05 3.74
C SER B 108 -14.66 -7.89 5.14
N VAL B 109 -15.43 -8.07 6.20
CA VAL B 109 -14.96 -7.73 7.57
C VAL B 109 -13.72 -8.53 7.90
N PRO B 110 -13.67 -9.88 7.71
CA PRO B 110 -12.47 -10.59 8.14
C PRO B 110 -11.21 -10.06 7.43
N TYR B 111 -11.33 -9.75 6.15
CA TYR B 111 -10.19 -9.25 5.37
C TYR B 111 -9.77 -7.88 5.90
N VAL B 112 -10.70 -6.95 6.08
CA VAL B 112 -10.36 -5.60 6.56
C VAL B 112 -9.70 -5.71 7.95
N ASN B 113 -10.28 -6.51 8.82
CA ASN B 113 -9.73 -6.63 10.19
C ASN B 113 -8.26 -7.04 10.16
N GLN B 114 -7.90 -7.94 9.24
CA GLN B 114 -6.54 -8.54 9.16
C GLN B 114 -5.62 -7.68 8.28
N HIS B 115 -6.12 -7.18 7.15
CA HIS B 115 -5.30 -6.61 6.05
C HIS B 115 -5.64 -5.16 5.71
N GLY B 116 -6.65 -4.59 6.32
CA GLY B 116 -7.03 -3.20 6.07
C GLY B 116 -7.76 -2.99 4.77
N PHE B 117 -7.64 -1.78 4.24
CA PHE B 117 -8.46 -1.30 3.12
C PHE B 117 -7.64 -1.40 1.85
N ASN B 118 -8.15 -2.20 0.92
CA ASN B 118 -7.48 -2.50 -0.35
C ASN B 118 -8.24 -1.81 -1.48
N ARG B 119 -7.63 -0.81 -2.12
CA ARG B 119 -8.27 -0.09 -3.24
C ARG B 119 -8.63 -1.02 -4.39
N SER B 120 -7.93 -2.13 -4.54
CA SER B 120 -8.16 -3.07 -5.66
C SER B 120 -9.50 -3.77 -5.52
N CYS B 121 -10.04 -3.78 -4.29
CA CYS B 121 -11.33 -4.41 -3.95
C CYS B 121 -12.47 -3.39 -3.85
N ALA B 122 -12.21 -2.09 -4.00
CA ALA B 122 -13.19 -1.02 -3.72
C ALA B 122 -14.26 -0.98 -4.81
N GLY B 123 -15.50 -0.69 -4.42
CA GLY B 123 -16.63 -0.47 -5.35
C GLY B 123 -16.48 0.87 -6.04
N LYS B 124 -17.03 1.01 -7.25
CA LYS B 124 -17.20 2.35 -7.86
C LYS B 124 -18.25 3.08 -7.01
N ASN B 125 -17.93 4.28 -6.55
CA ASN B 125 -18.85 5.08 -5.73
C ASN B 125 -19.91 5.69 -6.65
N ALA B 126 -21.12 5.90 -6.16
CA ALA B 126 -22.19 6.52 -6.98
C ALA B 126 -21.81 7.93 -7.42
N VAL B 127 -20.99 8.64 -6.65
CA VAL B 127 -20.33 9.87 -7.14
C VAL B 127 -18.85 9.60 -6.99
N SER B 128 -18.18 9.39 -8.12
CA SER B 128 -16.76 9.00 -8.12
C SER B 128 -15.88 10.23 -8.21
N TYR B 129 -15.00 10.34 -7.22
CA TYR B 129 -13.89 11.33 -7.14
C TYR B 129 -12.53 10.65 -7.31
N GLY B 130 -12.52 9.42 -7.81
CA GLY B 130 -11.28 8.66 -8.04
C GLY B 130 -11.45 7.21 -7.67
N LYS B 131 -10.53 6.40 -8.19
CA LYS B 131 -10.50 4.94 -8.01
C LYS B 131 -9.67 4.66 -6.77
N GLY B 132 -10.28 4.78 -5.63
CA GLY B 132 -9.59 4.45 -4.37
C GLY B 132 -10.56 3.97 -3.30
N THR B 133 -10.10 3.96 -2.06
CA THR B 133 -10.96 3.61 -0.91
C THR B 133 -11.61 4.87 -0.37
N TYR B 134 -12.92 4.80 -0.18
CA TYR B 134 -13.75 5.93 0.25
C TYR B 134 -14.01 5.87 1.74
N PHE B 135 -13.99 7.05 2.36
CA PHE B 135 -14.26 7.23 3.80
C PHE B 135 -15.16 8.43 3.98
N ALA B 136 -16.15 8.30 4.85
CA ALA B 136 -17.20 9.32 5.05
C ALA B 136 -16.92 10.12 6.31
N VAL B 137 -17.25 11.39 6.25
CA VAL B 137 -17.23 12.27 7.44
C VAL B 137 -18.43 11.89 8.33
N ASP B 138 -19.58 11.62 7.75
CA ASP B 138 -20.84 11.34 8.48
C ASP B 138 -21.14 9.85 8.46
N ALA B 139 -21.44 9.28 9.63
CA ALA B 139 -21.83 7.87 9.73
C ALA B 139 -23.07 7.62 8.85
N SER B 140 -23.95 8.60 8.68
CA SER B 140 -25.18 8.43 7.88
C SER B 140 -24.85 7.98 6.45
N TYR B 141 -23.75 8.48 5.90
CA TYR B 141 -23.38 8.14 4.51
C TYR B 141 -23.01 6.65 4.49
N SER B 142 -22.13 6.26 5.41
CA SER B 142 -21.65 4.86 5.52
C SER B 142 -22.78 3.91 5.95
N ALA B 143 -23.82 4.43 6.57
CA ALA B 143 -24.96 3.61 7.04
C ALA B 143 -25.89 3.21 5.90
N LYS B 144 -25.74 3.80 4.72
CA LYS B 144 -26.57 3.38 3.58
C LYS B 144 -26.34 1.90 3.29
N ASP B 145 -27.42 1.20 2.94
CA ASP B 145 -27.36 -0.26 2.68
C ASP B 145 -26.42 -0.54 1.51
N THR B 146 -26.20 0.41 0.60
CA THR B 146 -25.24 0.24 -0.51
CA THR B 146 -25.25 0.22 -0.52
C THR B 146 -23.83 -0.03 0.00
N TYR B 147 -23.50 0.49 1.19
CA TYR B 147 -22.14 0.35 1.78
C TYR B 147 -22.16 -0.69 2.90
N SER B 148 -22.89 -0.42 3.99
CA SER B 148 -23.00 -1.35 5.15
C SER B 148 -24.15 -2.33 4.88
N LYS B 149 -23.96 -3.21 3.91
CA LYS B 149 -25.02 -4.09 3.43
C LYS B 149 -25.50 -4.92 4.61
N PRO B 150 -26.81 -4.93 4.93
CA PRO B 150 -27.27 -5.80 5.99
C PRO B 150 -26.95 -7.27 5.65
N ASP B 151 -26.46 -8.00 6.64
CA ASP B 151 -26.19 -9.45 6.50
C ASP B 151 -27.49 -10.23 6.69
N SER B 152 -27.43 -11.55 6.63
CA SER B 152 -28.66 -12.38 6.69
C SER B 152 -29.35 -12.27 8.06
N ASN B 153 -28.70 -11.71 9.08
CA ASN B 153 -29.28 -11.51 10.46
C ASN B 153 -29.60 -10.03 10.65
N GLY B 154 -29.55 -9.24 9.57
CA GLY B 154 -29.87 -7.81 9.64
C GLY B 154 -28.81 -6.98 10.30
N ARG B 155 -27.61 -7.51 10.47
CA ARG B 155 -26.53 -6.71 11.05
C ARG B 155 -25.81 -5.93 9.95
N LYS B 156 -25.52 -4.67 10.27
CA LYS B 156 -24.77 -3.74 9.42
C LYS B 156 -23.45 -3.47 10.11
N HIS B 157 -22.42 -3.24 9.33
CA HIS B 157 -21.02 -3.13 9.82
C HIS B 157 -20.39 -1.85 9.32
N MET B 158 -19.86 -1.06 10.22
CA MET B 158 -19.20 0.21 9.87
C MET B 158 -17.92 0.32 10.65
N TYR B 159 -16.82 0.56 9.97
CA TYR B 159 -15.55 0.87 10.64
C TYR B 159 -15.47 2.35 10.98
N VAL B 160 -14.75 2.63 12.07
CA VAL B 160 -14.25 3.97 12.42
C VAL B 160 -12.74 3.89 12.18
N VAL B 161 -12.25 4.79 11.37
CA VAL B 161 -10.93 4.65 10.71
C VAL B 161 -10.10 5.90 10.93
N ARG B 162 -8.84 5.71 11.32
CA ARG B 162 -7.88 6.83 11.28
C ARG B 162 -7.40 6.88 9.85
N VAL B 163 -7.59 8.03 9.22
CA VAL B 163 -7.25 8.23 7.78
C VAL B 163 -6.27 9.38 7.66
N LEU B 164 -5.19 9.14 6.92
CA LEU B 164 -4.19 10.20 6.64
C LEU B 164 -4.64 11.01 5.43
N THR B 165 -5.56 11.92 5.67
CA THR B 165 -6.08 12.80 4.61
C THR B 165 -5.05 13.83 4.18
N GLY B 166 -4.19 14.27 5.07
CA GLY B 166 -3.14 15.21 4.76
C GLY B 166 -3.65 16.44 4.03
N VAL B 167 -2.95 16.83 2.98
CA VAL B 167 -3.33 17.97 2.13
C VAL B 167 -4.15 17.40 0.96
N PHE B 168 -5.34 17.93 0.75
CA PHE B 168 -6.29 17.36 -0.21
C PHE B 168 -6.81 18.42 -1.17
N THR B 169 -7.37 17.93 -2.26
CA THR B 169 -8.02 18.74 -3.31
C THR B 169 -9.29 18.00 -3.75
N LYS B 170 -10.09 18.65 -4.60
CA LYS B 170 -11.28 17.99 -5.15
C LYS B 170 -10.82 16.92 -6.12
N GLY B 171 -11.33 15.72 -5.97
CA GLY B 171 -10.98 14.60 -6.85
C GLY B 171 -11.68 14.65 -8.19
N ARG B 172 -11.36 13.65 -9.00
CA ARG B 172 -11.96 13.45 -10.34
CA ARG B 172 -12.00 13.45 -10.32
C ARG B 172 -12.03 11.93 -10.58
N ALA B 173 -13.05 11.50 -11.29
CA ALA B 173 -13.34 10.07 -11.47
C ALA B 173 -12.14 9.34 -12.09
N GLY B 174 -11.36 9.96 -12.97
CA GLY B 174 -10.25 9.19 -13.58
C GLY B 174 -9.04 8.88 -12.69
N LEU B 175 -8.94 9.46 -11.49
CA LEU B 175 -7.69 9.34 -10.73
C LEU B 175 -7.45 7.90 -10.30
N VAL B 176 -6.21 7.45 -10.43
CA VAL B 176 -5.79 6.18 -9.77
C VAL B 176 -4.75 6.46 -8.67
N THR B 177 -4.24 7.68 -8.60
CA THR B 177 -3.43 8.25 -7.48
C THR B 177 -3.94 9.66 -7.22
N PRO B 178 -3.64 10.34 -6.09
CA PRO B 178 -4.00 11.74 -5.96
C PRO B 178 -3.24 12.52 -7.05
N PRO B 179 -3.82 13.66 -7.45
CA PRO B 179 -3.19 14.47 -8.45
C PRO B 179 -1.97 15.16 -7.90
N PRO B 180 -1.09 15.62 -8.79
CA PRO B 180 0.00 16.48 -8.37
C PRO B 180 -0.53 17.83 -7.88
N LYS B 181 0.23 18.43 -6.97
CA LYS B 181 -0.04 19.82 -6.52
CA LYS B 181 -0.03 19.82 -6.51
C LYS B 181 0.31 20.81 -7.63
N ASN B 182 1.28 20.46 -8.45
CA ASN B 182 1.86 21.36 -9.45
C ASN B 182 2.04 20.54 -10.72
N PRO B 183 1.44 20.93 -11.86
CA PRO B 183 1.51 20.11 -13.06
C PRO B 183 2.92 19.95 -13.61
N HIS B 184 3.82 20.87 -13.25
CA HIS B 184 5.22 20.80 -13.75
C HIS B 184 6.09 19.95 -12.84
N ASN B 185 5.51 19.37 -11.79
CA ASN B 185 6.21 18.44 -10.87
C ASN B 185 5.29 17.29 -10.53
N PRO B 186 5.10 16.40 -11.51
CA PRO B 186 3.99 15.45 -11.45
C PRO B 186 4.09 14.45 -10.30
N THR B 187 5.26 14.28 -9.68
CA THR B 187 5.43 13.27 -8.61
C THR B 187 5.17 13.83 -7.22
N ASP B 188 4.95 15.13 -7.07
CA ASP B 188 4.72 15.71 -5.73
C ASP B 188 3.21 15.81 -5.52
N LEU B 189 2.66 14.85 -4.79
CA LEU B 189 1.20 14.59 -4.82
C LEU B 189 0.46 15.19 -3.63
N PHE B 190 -0.80 15.53 -3.86
CA PHE B 190 -1.76 15.63 -2.75
C PHE B 190 -1.79 14.29 -2.02
N ASP B 191 -2.16 14.33 -0.74
CA ASP B 191 -2.25 13.07 0.04
C ASP B 191 -3.56 12.33 -0.18
N SER B 192 -4.62 13.06 -0.49
CA SER B 192 -5.95 12.49 -0.67
C SER B 192 -6.79 13.42 -1.51
N VAL B 193 -7.96 12.99 -1.89
CA VAL B 193 -8.94 13.88 -2.55
C VAL B 193 -10.28 13.80 -1.84
N THR B 194 -11.10 14.79 -2.09
CA THR B 194 -12.41 14.94 -1.45
C THR B 194 -13.44 15.30 -2.51
N ASN B 195 -14.69 15.33 -2.09
CA ASN B 195 -15.80 15.78 -2.98
C ASN B 195 -15.87 17.31 -3.05
N ASN B 196 -15.41 18.02 -2.02
CA ASN B 196 -15.57 19.49 -1.88
C ASN B 196 -14.59 19.97 -0.82
N THR B 197 -13.63 20.84 -1.17
CA THR B 197 -12.56 21.24 -0.23
C THR B 197 -13.10 22.15 0.86
N ARG B 198 -14.15 22.91 0.56
CA ARG B 198 -14.76 23.88 1.51
C ARG B 198 -15.62 23.11 2.51
N SER B 199 -16.30 22.05 2.08
CA SER B 199 -17.25 21.27 2.91
CA SER B 199 -17.23 21.28 2.92
C SER B 199 -17.06 19.78 2.66
N PRO B 200 -15.90 19.21 3.08
CA PRO B 200 -15.60 17.82 2.75
C PRO B 200 -16.59 16.89 3.45
N LYS B 201 -17.11 15.92 2.72
CA LYS B 201 -18.01 14.88 3.24
C LYS B 201 -17.46 13.49 2.95
N LEU B 202 -16.52 13.37 2.03
CA LEU B 202 -15.87 12.09 1.75
C LEU B 202 -14.42 12.34 1.42
N PHE B 203 -13.61 11.35 1.67
CA PHE B 203 -12.21 11.37 1.27
C PHE B 203 -11.89 10.07 0.57
N VAL B 204 -10.98 10.14 -0.37
CA VAL B 204 -10.51 8.96 -1.12
C VAL B 204 -9.02 8.86 -0.92
N VAL B 205 -8.56 7.67 -0.55
CA VAL B 205 -7.09 7.42 -0.42
C VAL B 205 -6.73 6.30 -1.39
N PHE B 206 -5.50 6.36 -1.87
CA PHE B 206 -5.06 5.54 -3.01
C PHE B 206 -3.83 4.71 -2.67
N PHE B 207 -3.44 4.62 -1.39
CA PHE B 207 -2.25 3.86 -1.00
C PHE B 207 -2.58 2.98 0.19
N ASP B 208 -1.90 1.86 0.22
CA ASP B 208 -1.99 0.93 1.34
C ASP B 208 -1.44 1.62 2.59
N ASN B 209 -2.03 1.26 3.70
CA ASN B 209 -1.53 1.67 5.04
C ASN B 209 -1.69 3.19 5.25
N GLN B 210 -2.60 3.84 4.50
CA GLN B 210 -2.98 5.24 4.72
C GLN B 210 -4.22 5.34 5.64
N ALA B 211 -4.76 4.21 6.06
CA ALA B 211 -6.02 4.14 6.83
C ALA B 211 -5.86 2.98 7.81
N TYR B 212 -6.13 3.21 9.07
CA TYR B 212 -6.08 2.16 10.11
C TYR B 212 -7.50 1.93 10.61
N PRO B 213 -8.04 0.71 10.42
CA PRO B 213 -9.36 0.38 10.96
C PRO B 213 -9.28 0.24 12.50
N GLU B 214 -9.88 1.18 13.20
CA GLU B 214 -9.68 1.30 14.65
C GLU B 214 -10.82 0.65 15.43
N TYR B 215 -12.05 0.85 14.98
CA TYR B 215 -13.22 0.25 15.65
C TYR B 215 -14.13 -0.34 14.60
N LEU B 216 -14.79 -1.42 14.97
CA LEU B 216 -15.89 -1.99 14.18
C LEU B 216 -17.18 -1.81 14.95
N ILE B 217 -18.11 -1.09 14.35
CA ILE B 217 -19.47 -0.92 14.89
C ILE B 217 -20.35 -1.93 14.21
N THR B 218 -21.00 -2.80 14.98
CA THR B 218 -22.08 -3.68 14.48
C THR B 218 -23.37 -3.03 14.93
N PHE B 219 -24.32 -2.86 14.01
CA PHE B 219 -25.56 -2.13 14.32
C PHE B 219 -26.72 -2.71 13.52
N THR B 220 -27.92 -2.35 13.96
CA THR B 220 -29.16 -2.82 13.34
C THR B 220 -30.16 -1.66 13.26
N ALA B 221 -31.21 -1.87 12.49
CA ALA B 221 -32.43 -1.04 12.51
C ALA B 221 -33.16 -1.29 13.85
C4 8AQ C . 6.52 -9.51 -16.79
C14 8AQ C . 7.96 -7.17 -16.40
C5 8AQ C . 4.52 -10.50 -17.62
C6 8AQ C . 4.16 -11.61 -18.57
C11 8AQ C . 5.12 -12.77 -18.51
C7 8AQ C . 2.72 -12.04 -18.32
C8 8AQ C . 2.27 -13.22 -19.18
C9 8AQ C . 3.26 -14.36 -19.20
C10 8AQ C . 4.70 -13.93 -19.42
C12 8AQ C . 7.87 -9.58 -16.50
C13 8AQ C . 8.57 -8.41 -16.30
N1 8AQ C . 8.19 -4.78 -16.24
C3 8AQ C . 5.88 -8.29 -16.89
C1 8AQ C . 4.56 -5.79 -16.77
O1 8AQ C . 5.99 -5.89 -16.73
C2 8AQ C . 6.59 -7.11 -16.69
O2 8AQ C . 5.82 -10.67 -17.02
C15 8AQ C . 8.80 -5.95 -16.24
O3 8AQ C . 10.06 -6.04 -16.22
S DMS D . -18.80 4.25 2.38
S DMS D . -17.87 4.43 2.75
O DMS D . -18.69 4.09 3.88
O DMS D . -18.86 4.14 3.86
C1 DMS D . -17.55 3.17 1.72
C1 DMS D . -18.71 5.38 1.49
C2 DMS D . -17.99 5.82 2.04
C2 DMS D . -17.76 2.90 1.87
#